data_6FDG
#
_entry.id   6FDG
#
_cell.length_a   53.607
_cell.length_b   90.783
_cell.length_c   75.378
_cell.angle_alpha   90.00
_cell.angle_beta   92.00
_cell.angle_gamma   90.00
#
_symmetry.space_group_name_H-M   'P 1 21 1'
#
loop_
_entity.id
_entity.type
_entity.pdbx_description
1 polymer '4-hydroxybenzoyl-CoA thioesterase'
2 water water
#
_entity_poly.entity_id   1
_entity_poly.type   'polypeptide(L)'
_entity_poly.pdbx_seq_one_letter_code
;MIYSITEIEARYAETDKMGVIYHGNYATWFEVARLDYISKLGFSYADMEKQGIISPVTDLNVNYKKSIFYPEKVKVKTWV
EKYSRLRSVYKYEIFNEKGELATTGSTELICIKEDTFKPIRLDRYFPDWHEAYSKVQALNNEGKIVEIMDGIDSL
;
_entity_poly.pdbx_strand_id   A,B,C,D
#
# COMPACT_ATOMS: atom_id res chain seq x y z
N MET A 1 7.36 -32.47 -1.01
CA MET A 1 7.20 -31.63 0.16
C MET A 1 5.72 -31.59 0.59
N ILE A 2 5.52 -31.27 1.87
CA ILE A 2 4.25 -30.91 2.43
C ILE A 2 3.93 -29.48 2.02
N TYR A 3 2.85 -29.19 1.38
CA TYR A 3 2.57 -27.86 0.88
C TYR A 3 1.17 -27.47 0.96
N SER A 4 0.80 -26.19 0.96
CA SER A 4 -0.51 -25.66 0.86
C SER A 4 -0.68 -24.99 -0.53
N ILE A 5 -1.96 -24.84 -0.95
CA ILE A 5 -2.34 -24.03 -2.09
C ILE A 5 -3.30 -23.01 -1.66
N THR A 6 -2.98 -21.71 -1.92
CA THR A 6 -3.82 -20.62 -1.60
C THR A 6 -4.28 -19.91 -2.84
N GLU A 7 -5.56 -19.63 -2.99
CA GLU A 7 -6.06 -18.87 -4.14
C GLU A 7 -6.15 -17.40 -3.73
N ILE A 8 -5.67 -16.53 -4.61
CA ILE A 8 -5.72 -15.10 -4.44
C ILE A 8 -6.28 -14.47 -5.71
N GLU A 9 -7.21 -13.57 -5.56
CA GLU A 9 -7.73 -12.83 -6.74
C GLU A 9 -7.11 -11.45 -6.71
N ALA A 10 -6.40 -11.09 -7.79
CA ALA A 10 -5.76 -9.83 -7.88
C ALA A 10 -6.74 -8.70 -7.75
N ARG A 11 -6.33 -7.58 -7.19
CA ARG A 11 -7.16 -6.39 -7.03
C ARG A 11 -6.68 -5.30 -7.96
N TYR A 12 -7.62 -4.46 -8.42
CA TYR A 12 -7.24 -3.31 -9.24
C TYR A 12 -6.24 -2.41 -8.57
N ALA A 13 -6.38 -2.26 -7.27
CA ALA A 13 -5.45 -1.41 -6.48
C ALA A 13 -4.04 -1.96 -6.49
N GLU A 14 -3.83 -3.24 -6.79
CA GLU A 14 -2.49 -3.83 -6.83
C GLU A 14 -1.77 -3.64 -8.17
N THR A 15 -2.41 -2.96 -9.11
CA THR A 15 -1.77 -2.69 -10.43
C THR A 15 -0.91 -1.50 -10.43
N ASP A 16 0.03 -1.42 -11.32
CA ASP A 16 0.75 -0.21 -11.60
C ASP A 16 0.40 0.24 -13.01
N LYS A 17 1.09 1.35 -13.36
CA LYS A 17 0.74 1.99 -14.66
C LYS A 17 1.16 1.05 -15.86
N MET A 18 2.13 0.11 -15.71
CA MET A 18 2.29 -1.00 -16.78
C MET A 18 1.00 -1.96 -16.94
N GLY A 19 -0.06 -1.93 -16.09
CA GLY A 19 -1.18 -2.83 -16.05
C GLY A 19 -0.92 -4.20 -15.47
N VAL A 20 0.24 -4.32 -14.82
CA VAL A 20 0.64 -5.57 -14.19
C VAL A 20 0.56 -5.35 -12.63
N ILE A 21 0.58 -6.44 -11.95
CA ILE A 21 0.70 -6.42 -10.49
C ILE A 21 2.06 -5.85 -10.12
N TYR A 22 2.05 -4.73 -9.32
CA TYR A 22 3.30 -4.07 -8.89
C TYR A 22 4.19 -5.05 -8.19
N HIS A 23 5.48 -5.08 -8.49
CA HIS A 23 6.37 -6.08 -8.02
C HIS A 23 6.45 -6.06 -6.48
N GLY A 24 6.30 -4.89 -5.87
CA GLY A 24 6.32 -4.79 -4.40
C GLY A 24 5.18 -5.41 -3.72
N ASN A 25 4.10 -5.78 -4.36
CA ASN A 25 2.90 -6.36 -3.74
C ASN A 25 3.02 -7.82 -3.57
N TYR A 26 4.01 -8.46 -4.14
CA TYR A 26 4.08 -9.91 -4.05
C TYR A 26 4.42 -10.35 -2.65
N ALA A 27 5.15 -9.56 -1.86
CA ALA A 27 5.37 -9.92 -0.47
C ALA A 27 4.07 -10.09 0.28
N THR A 28 3.06 -9.27 0.00
CA THR A 28 1.76 -9.41 0.64
C THR A 28 1.11 -10.72 0.26
N TRP A 29 1.24 -11.12 -0.98
CA TRP A 29 0.67 -12.40 -1.40
C TRP A 29 1.40 -13.56 -0.77
N PHE A 30 2.72 -13.47 -0.59
CA PHE A 30 3.47 -14.53 0.13
C PHE A 30 2.97 -14.56 1.56
N GLU A 31 2.69 -13.41 2.20
CA GLU A 31 2.16 -13.40 3.57
CA GLU A 31 2.15 -13.42 3.56
C GLU A 31 0.83 -14.11 3.64
N VAL A 32 -0.10 -13.78 2.74
CA VAL A 32 -1.40 -14.43 2.73
C VAL A 32 -1.21 -15.95 2.60
N ALA A 33 -0.37 -16.39 1.74
CA ALA A 33 -0.10 -17.81 1.54
C ALA A 33 0.52 -18.47 2.71
N ARG A 34 1.50 -17.83 3.30
CA ARG A 34 2.18 -18.38 4.44
C ARG A 34 1.23 -18.52 5.67
N LEU A 35 0.38 -17.54 5.87
CA LEU A 35 -0.60 -17.58 6.97
C LEU A 35 -1.62 -18.69 6.65
N ASP A 36 -1.95 -18.93 5.39
CA ASP A 36 -2.89 -20.00 5.04
C ASP A 36 -2.19 -21.31 5.32
N TYR A 37 -0.90 -21.51 5.02
CA TYR A 37 -0.12 -22.72 5.33
C TYR A 37 -0.26 -22.98 6.83
N ILE A 38 0.05 -21.98 7.65
CA ILE A 38 0.05 -22.17 9.08
C ILE A 38 -1.36 -22.58 9.51
N SER A 39 -2.37 -21.92 9.07
N SER A 39 -2.37 -21.86 9.04
CA SER A 39 -3.72 -22.34 9.46
CA SER A 39 -3.79 -22.17 9.32
C SER A 39 -4.00 -23.78 9.11
C SER A 39 -4.19 -23.60 9.03
N LYS A 40 -3.69 -24.16 7.90
CA LYS A 40 -3.94 -25.55 7.43
C LYS A 40 -3.16 -26.52 8.20
N LEU A 41 -2.02 -26.24 8.74
CA LEU A 41 -1.21 -27.13 9.53
C LEU A 41 -1.86 -27.24 10.90
N GLY A 42 -2.75 -26.37 11.31
CA GLY A 42 -3.52 -26.42 12.55
C GLY A 42 -3.23 -25.29 13.48
N PHE A 43 -2.73 -24.14 13.06
CA PHE A 43 -2.30 -23.10 14.02
C PHE A 43 -2.74 -21.73 13.62
N SER A 44 -2.69 -20.76 14.49
CA SER A 44 -3.19 -19.45 14.23
C SER A 44 -2.10 -18.48 14.57
N TYR A 45 -1.65 -17.70 13.59
CA TYR A 45 -0.73 -16.67 13.88
C TYR A 45 -1.29 -15.61 14.83
N ALA A 46 -2.60 -15.29 14.72
CA ALA A 46 -3.14 -14.30 15.68
C ALA A 46 -3.03 -14.83 17.14
N ASP A 47 -3.15 -16.15 17.32
CA ASP A 47 -2.93 -16.76 18.68
C ASP A 47 -1.51 -16.66 19.14
N MET A 48 -0.51 -16.72 18.27
CA MET A 48 0.86 -16.47 18.63
C MET A 48 1.04 -15.03 19.10
N GLU A 49 0.42 -14.05 18.41
CA GLU A 49 0.56 -12.65 18.77
C GLU A 49 -0.14 -12.35 20.13
N LYS A 50 -1.17 -13.12 20.42
CA LYS A 50 -1.86 -12.94 21.72
C LYS A 50 -0.97 -13.30 22.85
N GLN A 51 0.05 -14.12 22.65
CA GLN A 51 1.07 -14.47 23.66
C GLN A 51 2.22 -13.46 23.71
N GLY A 52 2.19 -12.35 22.98
CA GLY A 52 3.24 -11.42 22.97
C GLY A 52 4.48 -11.75 22.14
N ILE A 53 4.24 -12.63 21.15
CA ILE A 53 5.32 -13.06 20.24
C ILE A 53 4.93 -12.64 18.81
N ILE A 54 5.90 -12.04 18.12
N ILE A 54 5.92 -12.21 18.07
CA ILE A 54 5.70 -11.66 16.68
CA ILE A 54 5.66 -11.78 16.69
C ILE A 54 6.72 -12.41 15.89
C ILE A 54 6.67 -12.56 15.87
N SER A 55 6.34 -12.60 14.57
CA SER A 55 7.18 -13.29 13.61
C SER A 55 7.46 -12.41 12.35
N PRO A 56 8.49 -11.67 12.41
CA PRO A 56 8.81 -10.88 11.21
C PRO A 56 9.65 -11.58 10.22
N VAL A 57 9.48 -11.11 8.98
CA VAL A 57 10.42 -11.51 7.83
C VAL A 57 11.74 -10.93 7.97
N THR A 58 12.81 -11.66 7.87
CA THR A 58 14.16 -11.25 7.91
C THR A 58 14.89 -11.34 6.59
N ASP A 59 14.31 -12.01 5.58
CA ASP A 59 14.91 -12.08 4.23
C ASP A 59 13.81 -12.33 3.30
N LEU A 60 13.76 -11.67 2.16
CA LEU A 60 12.72 -11.77 1.13
C LEU A 60 13.42 -11.99 -0.21
N ASN A 61 12.98 -12.95 -1.02
CA ASN A 61 13.45 -13.12 -2.40
C ASN A 61 12.27 -13.37 -3.23
N VAL A 62 12.18 -12.67 -4.40
CA VAL A 62 11.11 -12.88 -5.38
C VAL A 62 11.74 -12.95 -6.77
N ASN A 63 11.48 -13.99 -7.54
N ASN A 63 11.44 -14.01 -7.55
CA ASN A 63 11.96 -14.06 -8.92
CA ASN A 63 12.00 -14.31 -8.91
C ASN A 63 10.81 -14.14 -9.83
C ASN A 63 10.75 -14.16 -9.84
N TYR A 64 10.69 -13.13 -10.67
CA TYR A 64 9.51 -12.89 -11.48
C TYR A 64 9.73 -13.56 -12.89
N LYS A 65 9.01 -14.60 -13.19
CA LYS A 65 9.17 -15.28 -14.50
C LYS A 65 8.27 -14.76 -15.47
N LYS A 66 7.06 -14.38 -15.16
CA LYS A 66 6.05 -13.83 -16.05
C LYS A 66 5.36 -12.72 -15.35
N SER A 67 5.04 -11.62 -15.98
CA SER A 67 4.11 -10.63 -15.45
C SER A 67 2.76 -11.18 -15.14
N ILE A 68 2.06 -10.72 -14.14
CA ILE A 68 0.66 -11.03 -13.83
C ILE A 68 -0.16 -9.82 -14.20
N PHE A 69 -0.97 -9.97 -15.30
CA PHE A 69 -1.83 -8.86 -15.76
C PHE A 69 -3.15 -8.99 -15.08
N TYR A 70 -3.63 -7.90 -14.48
CA TYR A 70 -4.91 -7.83 -13.86
C TYR A 70 -6.11 -7.83 -15.02
N PRO A 71 -7.22 -8.43 -14.75
CA PRO A 71 -7.62 -9.25 -13.65
C PRO A 71 -6.89 -10.65 -13.66
N GLU A 72 -6.80 -11.34 -12.53
CA GLU A 72 -6.25 -12.70 -12.51
C GLU A 72 -6.55 -13.37 -11.24
N LYS A 73 -6.91 -14.66 -11.25
CA LYS A 73 -6.97 -15.53 -10.07
C LYS A 73 -5.75 -16.39 -10.10
N VAL A 74 -4.90 -16.31 -9.10
CA VAL A 74 -3.67 -17.08 -9.01
C VAL A 74 -3.70 -18.13 -7.90
N LYS A 75 -2.80 -19.12 -7.98
CA LYS A 75 -2.67 -20.10 -6.93
C LYS A 75 -1.26 -20.06 -6.47
N VAL A 76 -1.09 -19.95 -5.14
CA VAL A 76 0.22 -19.86 -4.48
C VAL A 76 0.51 -21.17 -3.76
N LYS A 77 1.55 -21.85 -4.10
CA LYS A 77 2.02 -23.10 -3.49
C LYS A 77 3.08 -22.68 -2.47
N THR A 78 2.94 -23.10 -1.21
CA THR A 78 3.82 -22.77 -0.07
C THR A 78 4.34 -23.97 0.59
N TRP A 79 5.58 -24.00 0.92
CA TRP A 79 6.13 -25.11 1.77
C TRP A 79 7.29 -24.56 2.58
N VAL A 80 7.65 -25.26 3.64
CA VAL A 80 8.78 -24.90 4.51
C VAL A 80 10.01 -25.62 4.01
N GLU A 81 10.95 -24.93 3.37
CA GLU A 81 12.18 -25.52 2.86
C GLU A 81 13.09 -25.90 3.97
N LYS A 82 13.16 -25.07 5.02
CA LYS A 82 14.07 -25.34 6.14
C LYS A 82 13.39 -24.88 7.44
N TYR A 83 13.34 -25.74 8.46
CA TYR A 83 12.87 -25.39 9.77
C TYR A 83 13.92 -25.56 10.77
N SER A 84 14.16 -24.61 11.65
CA SER A 84 14.91 -24.78 12.87
C SER A 84 14.13 -24.02 13.94
N ARG A 85 14.48 -24.31 15.22
CA ARG A 85 13.73 -23.64 16.31
C ARG A 85 13.98 -22.12 16.34
N LEU A 86 14.98 -21.58 15.67
CA LEU A 86 15.22 -20.21 15.61
C LEU A 86 14.74 -19.50 14.31
N ARG A 87 14.60 -20.24 13.23
CA ARG A 87 14.21 -19.62 11.94
C ARG A 87 13.67 -20.59 11.01
N SER A 88 12.74 -20.12 10.20
CA SER A 88 12.11 -20.97 9.16
C SER A 88 12.31 -20.30 7.79
N VAL A 89 12.54 -21.06 6.74
CA VAL A 89 12.56 -20.52 5.36
C VAL A 89 11.40 -21.15 4.62
N TYR A 90 10.44 -20.34 4.20
CA TYR A 90 9.31 -20.74 3.36
C TYR A 90 9.68 -20.49 1.94
N LYS A 91 9.26 -21.37 1.03
CA LYS A 91 9.37 -21.16 -0.41
C LYS A 91 7.99 -21.16 -1.00
N TYR A 92 7.90 -20.44 -2.14
CA TYR A 92 6.64 -20.23 -2.83
C TYR A 92 6.75 -20.36 -4.32
N GLU A 93 5.66 -20.79 -4.92
CA GLU A 93 5.48 -20.75 -6.42
C GLU A 93 4.14 -20.15 -6.66
N ILE A 94 4.03 -19.22 -7.62
CA ILE A 94 2.75 -18.65 -8.00
C ILE A 94 2.40 -19.05 -9.44
N PHE A 95 1.24 -19.67 -9.58
CA PHE A 95 0.71 -20.06 -10.93
C PHE A 95 -0.36 -19.15 -11.27
N ASN A 96 -0.36 -18.78 -12.58
CA ASN A 96 -1.41 -17.96 -13.14
C ASN A 96 -2.64 -18.80 -13.48
N GLU A 97 -3.66 -18.12 -14.07
CA GLU A 97 -4.94 -18.78 -14.36
C GLU A 97 -4.81 -19.85 -15.48
N LYS A 98 -3.80 -19.66 -16.29
CA LYS A 98 -3.47 -20.66 -17.31
C LYS A 98 -2.65 -21.83 -16.80
N GLY A 99 -2.27 -21.77 -15.49
CA GLY A 99 -1.44 -22.86 -14.94
C GLY A 99 0.06 -22.69 -15.13
N GLU A 100 0.50 -21.59 -15.65
CA GLU A 100 1.89 -21.34 -15.91
C GLU A 100 2.60 -20.80 -14.60
N LEU A 101 3.81 -21.24 -14.42
CA LEU A 101 4.66 -20.70 -13.29
C LEU A 101 5.05 -19.25 -13.53
N ALA A 102 4.43 -18.33 -12.77
CA ALA A 102 4.66 -16.90 -12.94
C ALA A 102 5.82 -16.35 -12.07
N THR A 103 5.98 -16.95 -10.89
CA THR A 103 6.86 -16.41 -9.86
C THR A 103 7.31 -17.46 -8.89
N THR A 104 8.52 -17.34 -8.39
CA THR A 104 9.02 -18.12 -7.29
C THR A 104 9.56 -17.19 -6.26
N GLY A 105 9.74 -17.65 -5.00
CA GLY A 105 10.44 -16.76 -4.03
C GLY A 105 10.56 -17.46 -2.73
N SER A 106 11.03 -16.74 -1.72
CA SER A 106 11.23 -17.28 -0.41
C SER A 106 11.18 -16.20 0.62
N THR A 107 10.86 -16.54 1.85
CA THR A 107 10.92 -15.67 3.03
C THR A 107 11.53 -16.37 4.21
N GLU A 108 12.50 -15.78 4.88
CA GLU A 108 12.98 -16.27 6.21
C GLU A 108 12.23 -15.53 7.24
N LEU A 109 11.78 -16.28 8.28
CA LEU A 109 10.97 -15.79 9.41
C LEU A 109 11.71 -16.18 10.70
N ILE A 110 11.65 -15.33 11.67
CA ILE A 110 12.11 -15.58 13.08
C ILE A 110 10.92 -15.31 13.97
N CYS A 111 11.03 -15.64 15.27
CA CYS A 111 10.05 -15.24 16.25
C CYS A 111 10.74 -14.45 17.36
N ILE A 112 10.09 -13.39 17.77
CA ILE A 112 10.65 -12.47 18.75
C ILE A 112 9.58 -12.03 19.72
N LYS A 113 10.08 -11.55 20.90
CA LYS A 113 9.21 -10.92 21.85
C LYS A 113 8.75 -9.57 21.37
N GLU A 114 7.49 -9.30 21.54
CA GLU A 114 6.85 -8.05 20.98
C GLU A 114 7.43 -6.86 21.67
N ASP A 115 7.78 -7.05 22.93
CA ASP A 115 8.16 -5.84 23.73
C ASP A 115 9.63 -5.44 23.48
N THR A 116 10.54 -6.41 23.55
CA THR A 116 11.98 -6.17 23.41
C THR A 116 12.63 -6.45 22.02
N PHE A 117 11.81 -7.09 21.15
CA PHE A 117 12.24 -7.68 19.88
C PHE A 117 13.35 -8.73 20.02
N LYS A 118 13.56 -9.29 21.22
CA LYS A 118 14.50 -10.38 21.40
C LYS A 118 14.04 -11.71 20.75
N PRO A 119 14.98 -12.39 20.03
CA PRO A 119 14.57 -13.66 19.40
C PRO A 119 14.36 -14.76 20.38
N ILE A 120 13.39 -15.59 20.13
CA ILE A 120 13.07 -16.74 20.96
C ILE A 120 13.09 -18.00 20.17
N ARG A 121 13.14 -19.12 20.87
CA ARG A 121 13.11 -20.46 20.33
C ARG A 121 11.69 -20.93 20.27
N LEU A 122 11.21 -21.45 19.11
CA LEU A 122 9.82 -21.90 18.99
C LEU A 122 9.49 -23.05 19.94
N ASP A 123 10.43 -23.96 20.19
CA ASP A 123 10.14 -25.10 21.07
C ASP A 123 9.87 -24.61 22.54
N ARG A 124 10.43 -23.51 22.93
CA ARG A 124 10.21 -23.11 24.36
C ARG A 124 8.93 -22.42 24.50
N TYR A 125 8.43 -21.62 23.53
CA TYR A 125 7.24 -20.87 23.69
C TYR A 125 5.96 -21.53 23.12
N PHE A 126 6.17 -22.31 22.02
CA PHE A 126 5.13 -23.01 21.33
C PHE A 126 5.44 -24.42 21.02
N PRO A 127 5.54 -25.31 22.04
CA PRO A 127 6.02 -26.70 21.80
C PRO A 127 5.12 -27.42 20.76
N ASP A 128 3.85 -27.17 20.70
CA ASP A 128 2.95 -27.81 19.77
C ASP A 128 3.33 -27.38 18.33
N TRP A 129 3.63 -26.10 18.09
CA TRP A 129 4.07 -25.68 16.72
C TRP A 129 5.37 -26.36 16.44
N HIS A 130 6.38 -26.40 17.31
CA HIS A 130 7.60 -27.11 17.10
C HIS A 130 7.46 -28.57 16.73
N GLU A 131 6.54 -29.24 17.43
CA GLU A 131 6.41 -30.70 17.14
C GLU A 131 5.90 -30.80 15.69
N ALA A 132 4.93 -29.98 15.32
CA ALA A 132 4.34 -30.06 13.94
C ALA A 132 5.37 -29.71 12.85
N TYR A 133 6.15 -28.63 13.13
CA TYR A 133 7.16 -28.28 12.13
C TYR A 133 8.26 -29.26 11.98
N SER A 134 8.67 -29.87 13.11
CA SER A 134 9.70 -30.84 13.15
C SER A 134 9.20 -32.15 12.41
N LYS A 135 8.01 -32.51 12.61
CA LYS A 135 7.42 -33.68 11.90
C LYS A 135 7.41 -33.42 10.39
N VAL A 136 6.93 -32.18 10.01
CA VAL A 136 6.95 -31.81 8.58
C VAL A 136 8.28 -31.84 8.02
N GLN A 137 9.29 -31.31 8.71
CA GLN A 137 10.62 -31.28 8.21
C GLN A 137 11.17 -32.73 7.90
N ALA A 138 10.87 -33.61 8.82
CA ALA A 138 11.30 -35.03 8.61
C ALA A 138 10.59 -35.63 7.39
N LEU A 139 9.29 -35.33 7.25
CA LEU A 139 8.52 -35.86 6.06
C LEU A 139 9.10 -35.29 4.77
N ASN A 140 9.39 -33.96 4.79
CA ASN A 140 9.97 -33.28 3.64
C ASN A 140 11.31 -33.93 3.30
N ASN A 141 12.16 -34.24 4.29
CA ASN A 141 13.48 -34.89 4.03
C ASN A 141 13.32 -36.28 3.44
N GLU A 142 12.21 -36.93 3.77
CA GLU A 142 11.87 -38.31 3.17
C GLU A 142 11.22 -38.23 1.82
N GLY A 143 10.90 -37.04 1.32
CA GLY A 143 10.35 -36.83 0.03
C GLY A 143 8.91 -37.08 -0.06
N LYS A 144 8.18 -37.05 1.04
CA LYS A 144 6.74 -37.05 1.03
C LYS A 144 6.14 -35.87 0.30
N ILE A 145 5.07 -36.07 -0.48
CA ILE A 145 4.39 -35.09 -1.25
C ILE A 145 2.96 -35.09 -0.78
N VAL A 146 2.45 -34.10 -0.07
CA VAL A 146 1.12 -34.00 0.43
C VAL A 146 0.56 -32.57 0.37
N GLU A 147 -0.63 -32.29 -0.06
CA GLU A 147 -1.26 -31.01 0.10
C GLU A 147 -1.99 -30.97 1.34
N ILE A 148 -1.66 -30.11 2.31
CA ILE A 148 -2.47 -29.96 3.49
C ILE A 148 -3.61 -29.10 3.23
N MET A 149 -4.74 -29.40 3.90
CA MET A 149 -5.97 -28.62 3.77
C MET A 149 -6.86 -28.81 4.95
N ASP A 150 -7.86 -27.90 5.11
CA ASP A 150 -8.79 -28.02 6.22
C ASP A 150 -9.66 -29.27 6.05
N GLY A 151 -9.99 -29.96 7.08
CA GLY A 151 -10.97 -30.98 6.97
C GLY A 151 -10.41 -32.32 6.65
N ILE A 152 -9.07 -32.45 6.42
CA ILE A 152 -8.42 -33.71 6.15
C ILE A 152 -7.22 -33.81 7.01
N ASP A 153 -7.06 -34.85 7.81
CA ASP A 153 -5.84 -34.99 8.65
C ASP A 153 -4.81 -35.74 7.84
N SER A 154 -4.05 -35.00 7.02
CA SER A 154 -3.38 -35.64 5.87
C SER A 154 -2.05 -36.15 6.33
N LEU A 155 -1.62 -35.80 7.57
CA LEU A 155 -0.38 -36.28 8.12
C LEU A 155 -0.70 -37.47 9.07
N MET B 1 32.71 1.54 -5.82
N MET B 1 32.76 2.23 -5.79
CA MET B 1 31.63 1.82 -6.91
CA MET B 1 31.62 2.17 -6.74
C MET B 1 31.17 3.33 -6.98
C MET B 1 31.18 3.59 -7.03
N ILE B 2 30.57 3.72 -8.14
CA ILE B 2 29.78 4.88 -8.40
C ILE B 2 28.41 4.72 -7.72
N TYR B 3 28.02 5.58 -6.83
CA TYR B 3 26.78 5.34 -6.07
C TYR B 3 26.06 6.61 -5.95
N SER B 4 24.72 6.52 -5.70
CA SER B 4 23.87 7.63 -5.30
C SER B 4 23.45 7.43 -3.87
N ILE B 5 23.02 8.55 -3.26
CA ILE B 5 22.45 8.58 -1.92
C ILE B 5 21.11 9.29 -2.00
N THR B 6 20.05 8.59 -1.52
CA THR B 6 18.66 9.10 -1.57
C THR B 6 18.15 9.16 -0.17
N GLU B 7 17.58 10.29 0.21
CA GLU B 7 16.95 10.42 1.52
C GLU B 7 15.48 10.12 1.48
N ILE B 8 15.01 9.29 2.35
CA ILE B 8 13.56 8.91 2.43
C ILE B 8 13.15 9.07 3.88
N GLU B 9 11.97 9.68 4.14
CA GLU B 9 11.42 9.82 5.47
C GLU B 9 10.29 8.77 5.59
N ALA B 10 10.40 7.91 6.52
CA ALA B 10 9.43 6.89 6.74
C ALA B 10 8.02 7.46 7.02
N ARG B 11 6.98 6.86 6.49
CA ARG B 11 5.58 7.33 6.68
C ARG B 11 4.92 6.41 7.69
N TYR B 12 3.95 7.02 8.43
CA TYR B 12 3.09 6.25 9.35
C TYR B 12 2.38 5.18 8.59
N ALA B 13 1.89 5.47 7.40
CA ALA B 13 1.15 4.51 6.59
C ALA B 13 1.96 3.27 6.23
N GLU B 14 3.29 3.36 6.28
CA GLU B 14 4.21 2.27 5.94
C GLU B 14 4.48 1.35 7.09
N THR B 15 3.92 1.64 8.29
CA THR B 15 4.03 0.75 9.46
C THR B 15 3.05 -0.36 9.42
N ASP B 16 3.33 -1.42 10.18
CA ASP B 16 2.42 -2.54 10.40
C ASP B 16 2.18 -2.66 11.93
N LYS B 17 1.41 -3.65 12.32
CA LYS B 17 1.05 -3.89 13.70
C LYS B 17 2.28 -4.15 14.60
N MET B 18 3.34 -4.69 14.12
CA MET B 18 4.61 -4.81 14.87
CA MET B 18 4.61 -4.80 14.88
C MET B 18 5.17 -3.51 15.26
N GLY B 19 4.81 -2.42 14.65
CA GLY B 19 5.31 -1.17 14.94
C GLY B 19 6.55 -0.75 14.25
N VAL B 20 6.84 -1.40 13.12
CA VAL B 20 7.98 -1.15 12.26
C VAL B 20 7.55 -0.98 10.80
N ILE B 21 8.40 -0.52 9.92
CA ILE B 21 8.07 -0.46 8.52
C ILE B 21 7.85 -1.84 8.00
N TYR B 22 6.72 -2.06 7.33
CA TYR B 22 6.32 -3.35 6.81
C TYR B 22 7.36 -3.81 5.78
N HIS B 23 7.74 -5.10 5.78
CA HIS B 23 8.82 -5.59 4.96
C HIS B 23 8.53 -5.45 3.49
N GLY B 24 7.22 -5.53 3.10
CA GLY B 24 6.85 -5.37 1.71
C GLY B 24 6.98 -4.00 1.19
N ASN B 25 7.15 -2.97 1.95
CA ASN B 25 7.29 -1.64 1.47
C ASN B 25 8.67 -1.29 1.05
N TYR B 26 9.65 -2.08 1.35
CA TYR B 26 11.05 -1.82 1.04
C TYR B 26 11.28 -1.81 -0.47
N ALA B 27 10.55 -2.60 -1.24
CA ALA B 27 10.73 -2.53 -2.73
C ALA B 27 10.39 -1.16 -3.20
N THR B 28 9.41 -0.44 -2.66
CA THR B 28 9.07 0.89 -3.06
C THR B 28 10.23 1.83 -2.80
N TRP B 29 10.85 1.70 -1.66
CA TRP B 29 12.03 2.53 -1.29
C TRP B 29 13.20 2.22 -2.25
N PHE B 30 13.41 0.98 -2.58
CA PHE B 30 14.46 0.67 -3.62
C PHE B 30 14.14 1.33 -4.89
N GLU B 31 12.86 1.34 -5.29
CA GLU B 31 12.48 1.97 -6.57
C GLU B 31 12.70 3.50 -6.52
N VAL B 32 12.36 4.18 -5.43
CA VAL B 32 12.65 5.59 -5.27
C VAL B 32 14.17 5.81 -5.41
N ALA B 33 14.96 4.99 -4.78
CA ALA B 33 16.46 5.17 -4.83
C ALA B 33 16.98 4.86 -6.25
N ARG B 34 16.49 3.86 -6.89
CA ARG B 34 16.95 3.55 -8.24
C ARG B 34 16.60 4.61 -9.23
N LEU B 35 15.38 5.20 -9.14
CA LEU B 35 15.00 6.28 -10.04
C LEU B 35 15.81 7.51 -9.72
N ASP B 36 16.21 7.76 -8.52
CA ASP B 36 17.11 8.83 -8.12
C ASP B 36 18.52 8.59 -8.70
N TYR B 37 19.06 7.39 -8.65
CA TYR B 37 20.34 7.07 -9.28
C TYR B 37 20.25 7.37 -10.76
N ILE B 38 19.21 6.92 -11.47
CA ILE B 38 19.06 7.15 -12.89
C ILE B 38 19.06 8.62 -13.19
N SER B 39 18.29 9.40 -12.42
N SER B 39 18.24 9.36 -12.48
CA SER B 39 18.24 10.92 -12.53
CA SER B 39 18.21 10.82 -12.69
C SER B 39 19.58 11.52 -12.38
C SER B 39 19.56 11.44 -12.46
N LYS B 40 20.31 11.06 -11.41
CA LYS B 40 21.60 11.65 -11.12
C LYS B 40 22.64 11.26 -12.16
N LEU B 41 22.51 10.19 -12.86
CA LEU B 41 23.38 9.83 -13.98
C LEU B 41 23.06 10.69 -15.15
N GLY B 42 21.88 11.29 -15.20
CA GLY B 42 21.43 12.23 -16.27
C GLY B 42 20.32 11.72 -17.08
N PHE B 43 19.52 10.73 -16.68
CA PHE B 43 18.54 10.10 -17.51
C PHE B 43 17.17 10.17 -16.87
N SER B 44 16.15 9.93 -17.71
CA SER B 44 14.74 9.90 -17.22
C SER B 44 14.05 8.69 -17.62
N TYR B 45 13.63 7.92 -16.59
CA TYR B 45 12.93 6.72 -16.84
C TYR B 45 11.55 7.06 -17.50
N ALA B 46 10.95 8.16 -17.01
CA ALA B 46 9.66 8.66 -17.54
C ALA B 46 9.82 8.88 -19.08
N ASP B 47 10.93 9.47 -19.49
CA ASP B 47 11.32 9.53 -20.89
C ASP B 47 11.34 8.24 -21.63
N MET B 48 12.07 7.21 -21.14
CA MET B 48 12.11 5.89 -21.75
C MET B 48 10.67 5.27 -22.02
N GLU B 49 9.81 5.44 -20.98
CA GLU B 49 8.40 4.98 -21.04
C GLU B 49 7.69 5.73 -22.10
N LYS B 50 7.96 7.02 -22.24
CA LYS B 50 7.40 7.82 -23.39
C LYS B 50 7.73 7.15 -24.73
N GLN B 51 8.81 6.40 -24.83
CA GLN B 51 9.20 5.76 -26.13
C GLN B 51 8.70 4.33 -26.35
N GLY B 52 7.86 3.79 -25.44
CA GLY B 52 7.29 2.40 -25.57
C GLY B 52 8.14 1.23 -25.03
N ILE B 53 9.17 1.63 -24.25
CA ILE B 53 10.11 0.65 -23.61
C ILE B 53 9.90 0.79 -22.08
N ILE B 54 9.81 -0.42 -21.45
CA ILE B 54 9.55 -0.45 -20.00
C ILE B 54 10.63 -1.32 -19.51
N SER B 55 10.78 -1.18 -18.15
CA SER B 55 11.88 -1.83 -17.44
C SER B 55 11.33 -2.57 -16.18
N PRO B 56 10.86 -3.79 -16.37
CA PRO B 56 10.42 -4.56 -15.19
C PRO B 56 11.56 -5.12 -14.36
N VAL B 57 11.18 -5.37 -13.06
CA VAL B 57 12.04 -6.02 -12.10
C VAL B 57 11.91 -7.49 -12.35
N THR B 58 12.93 -8.24 -12.48
CA THR B 58 12.92 -9.65 -12.66
C THR B 58 13.34 -10.42 -11.44
N ASP B 59 14.06 -9.75 -10.43
CA ASP B 59 14.44 -10.37 -9.20
C ASP B 59 14.53 -9.31 -8.14
N LEU B 60 14.00 -9.58 -6.98
CA LEU B 60 14.04 -8.69 -5.78
C LEU B 60 14.65 -9.46 -4.66
N ASN B 61 15.63 -8.91 -3.96
CA ASN B 61 16.15 -9.52 -2.74
C ASN B 61 16.26 -8.44 -1.69
N VAL B 62 15.83 -8.74 -0.48
CA VAL B 62 15.91 -7.81 0.67
C VAL B 62 16.40 -8.60 1.83
N ASN B 63 17.43 -8.12 2.53
CA ASN B 63 17.95 -8.66 3.78
C ASN B 63 17.84 -7.69 4.86
N TYR B 64 17.00 -7.96 5.87
CA TYR B 64 16.59 -6.99 6.90
C TYR B 64 17.49 -7.15 8.14
N LYS B 65 18.46 -6.31 8.35
CA LYS B 65 19.41 -6.43 9.48
C LYS B 65 18.80 -5.79 10.68
N LYS B 66 18.15 -4.66 10.64
CA LYS B 66 17.54 -3.99 11.77
C LYS B 66 16.20 -3.46 11.34
N SER B 67 15.23 -3.39 12.20
CA SER B 67 13.98 -2.74 11.89
C SER B 67 14.10 -1.30 11.69
N ILE B 68 13.28 -0.68 10.92
CA ILE B 68 13.15 0.76 10.76
C ILE B 68 11.80 1.22 11.33
N PHE B 69 11.77 2.42 11.89
CA PHE B 69 10.59 2.93 12.62
C PHE B 69 10.12 4.20 11.98
N TYR B 70 8.81 4.50 12.06
CA TYR B 70 8.36 5.83 11.92
C TYR B 70 8.86 6.75 13.10
N PRO B 71 9.34 7.95 12.80
CA PRO B 71 9.38 8.73 11.58
C PRO B 71 10.84 8.91 11.08
N GLU B 72 11.56 7.80 11.09
CA GLU B 72 12.99 7.89 10.67
C GLU B 72 13.29 8.38 9.36
N LYS B 73 14.27 9.26 9.30
CA LYS B 73 14.87 9.69 8.07
C LYS B 73 16.04 8.75 7.73
N VAL B 74 15.91 8.06 6.62
CA VAL B 74 16.94 7.08 6.21
C VAL B 74 17.61 7.53 4.94
N LYS B 75 18.76 6.92 4.71
CA LYS B 75 19.51 7.15 3.48
C LYS B 75 19.73 5.81 2.76
N VAL B 76 19.46 5.83 1.51
CA VAL B 76 19.65 4.67 0.64
C VAL B 76 20.82 4.90 -0.27
N LYS B 77 21.77 4.01 -0.22
CA LYS B 77 22.95 4.00 -1.11
C LYS B 77 22.66 3.02 -2.20
N THR B 78 22.73 3.42 -3.46
CA THR B 78 22.43 2.64 -4.66
C THR B 78 23.61 2.55 -5.63
N TRP B 79 23.89 1.39 -6.17
CA TRP B 79 24.86 1.30 -7.21
C TRP B 79 24.47 0.18 -8.15
N VAL B 80 25.12 0.10 -9.32
CA VAL B 80 24.91 -0.95 -10.29
C VAL B 80 26.03 -1.94 -10.11
N GLU B 81 25.72 -3.08 -9.58
CA GLU B 81 26.69 -4.14 -9.39
C GLU B 81 27.04 -4.77 -10.68
N LYS B 82 26.13 -4.99 -11.59
CA LYS B 82 26.38 -5.69 -12.88
C LYS B 82 25.58 -5.01 -13.89
N TYR B 83 26.21 -4.63 -15.02
CA TYR B 83 25.54 -4.10 -16.20
C TYR B 83 25.94 -4.95 -17.43
N SER B 84 24.97 -5.35 -18.12
CA SER B 84 25.14 -5.77 -19.54
C SER B 84 24.06 -5.23 -20.38
N ARG B 85 24.15 -5.28 -21.75
CA ARG B 85 23.12 -4.79 -22.52
C ARG B 85 21.76 -5.48 -22.41
N LEU B 86 21.72 -6.70 -21.83
CA LEU B 86 20.44 -7.34 -21.53
C LEU B 86 19.84 -7.17 -20.12
N ARG B 87 20.67 -6.86 -19.12
CA ARG B 87 20.13 -6.83 -17.73
C ARG B 87 21.08 -6.00 -16.91
N SER B 88 20.46 -5.40 -15.86
CA SER B 88 21.23 -4.64 -14.85
C SER B 88 20.92 -5.21 -13.44
N VAL B 89 21.87 -5.28 -12.61
CA VAL B 89 21.64 -5.66 -11.15
C VAL B 89 22.03 -4.46 -10.34
N TYR B 90 21.04 -3.85 -9.65
CA TYR B 90 21.27 -2.72 -8.68
C TYR B 90 21.45 -3.31 -7.29
N LYS B 91 22.33 -2.81 -6.50
CA LYS B 91 22.45 -3.15 -5.10
C LYS B 91 22.15 -1.89 -4.28
N TYR B 92 21.70 -2.16 -3.03
CA TYR B 92 21.27 -1.14 -2.12
C TYR B 92 21.73 -1.41 -0.73
N GLU B 93 21.98 -0.31 0.00
CA GLU B 93 22.14 -0.30 1.47
C GLU B 93 21.30 0.75 2.04
N ILE B 94 20.60 0.45 3.13
CA ILE B 94 19.79 1.46 3.84
C ILE B 94 20.40 1.70 5.22
N PHE B 95 20.64 2.98 5.48
CA PHE B 95 21.19 3.39 6.77
C PHE B 95 20.06 4.10 7.52
N ASN B 96 19.91 3.71 8.80
CA ASN B 96 18.90 4.27 9.69
C ASN B 96 19.27 5.67 10.13
N GLU B 97 18.43 6.35 10.92
CA GLU B 97 18.69 7.70 11.24
C GLU B 97 19.96 7.84 12.10
N LYS B 98 20.34 6.84 12.83
CA LYS B 98 21.61 6.80 13.62
C LYS B 98 22.83 6.45 12.76
N GLY B 99 22.66 6.24 11.47
CA GLY B 99 23.77 5.94 10.56
C GLY B 99 24.18 4.53 10.47
N GLU B 100 23.42 3.59 11.07
CA GLU B 100 23.74 2.20 11.11
C GLU B 100 23.14 1.46 9.87
N LEU B 101 23.79 0.43 9.41
CA LEU B 101 23.27 -0.40 8.31
C LEU B 101 22.09 -1.14 8.79
N ALA B 102 20.90 -0.86 8.21
CA ALA B 102 19.65 -1.54 8.56
C ALA B 102 19.20 -2.63 7.54
N THR B 103 19.61 -2.46 6.28
CA THR B 103 19.04 -3.29 5.20
C THR B 103 19.99 -3.36 4.06
N THR B 104 20.10 -4.51 3.40
CA THR B 104 20.78 -4.61 2.13
C THR B 104 19.82 -5.26 1.17
N GLY B 105 20.07 -5.14 -0.12
CA GLY B 105 19.25 -5.86 -1.13
C GLY B 105 19.68 -5.60 -2.52
N SER B 106 18.93 -6.10 -3.43
CA SER B 106 19.24 -6.02 -4.89
C SER B 106 18.02 -6.11 -5.70
N THR B 107 18.01 -5.56 -6.93
CA THR B 107 16.99 -5.73 -7.91
C THR B 107 17.64 -5.99 -9.28
N GLU B 108 17.22 -7.02 -9.95
CA GLU B 108 17.61 -7.16 -11.44
C GLU B 108 16.51 -6.66 -12.24
N LEU B 109 16.86 -5.83 -13.27
CA LEU B 109 15.96 -5.25 -14.22
C LEU B 109 16.39 -5.57 -15.66
N ILE B 110 15.38 -5.74 -16.49
CA ILE B 110 15.62 -5.86 -17.96
C ILE B 110 14.81 -4.76 -18.59
N CYS B 111 14.94 -4.67 -19.97
CA CYS B 111 14.11 -3.71 -20.73
C CYS B 111 13.33 -4.51 -21.85
N ILE B 112 12.09 -4.17 -21.96
CA ILE B 112 11.20 -4.94 -22.88
C ILE B 112 10.35 -3.97 -23.65
N LYS B 113 9.87 -4.38 -24.86
CA LYS B 113 8.91 -3.51 -25.53
C LYS B 113 7.59 -3.64 -24.87
N GLU B 114 6.97 -2.52 -24.59
CA GLU B 114 5.69 -2.43 -23.93
C GLU B 114 4.52 -3.14 -24.65
N ASP B 115 4.48 -3.05 -25.98
CA ASP B 115 3.45 -3.80 -26.78
C ASP B 115 3.69 -5.30 -26.63
N THR B 116 4.81 -5.75 -27.19
CA THR B 116 5.22 -7.14 -27.19
C THR B 116 5.50 -7.81 -25.81
N PHE B 117 5.93 -7.06 -24.81
CA PHE B 117 6.61 -7.67 -23.64
C PHE B 117 7.90 -8.49 -23.98
N LYS B 118 8.42 -8.34 -25.21
CA LYS B 118 9.68 -9.00 -25.66
C LYS B 118 10.95 -8.23 -25.15
N PRO B 119 12.00 -8.94 -24.60
CA PRO B 119 13.19 -8.26 -24.15
C PRO B 119 13.98 -7.56 -25.28
N ILE B 120 14.91 -6.71 -24.89
CA ILE B 120 15.59 -5.88 -25.89
C ILE B 120 16.97 -5.60 -25.34
N ARG B 121 17.90 -5.38 -26.24
CA ARG B 121 19.25 -4.87 -25.97
C ARG B 121 19.17 -3.36 -25.77
N LEU B 122 19.74 -2.90 -24.69
CA LEU B 122 19.59 -1.47 -24.42
C LEU B 122 20.46 -0.64 -25.48
N ASP B 123 21.58 -1.19 -25.92
CA ASP B 123 22.53 -0.48 -26.87
C ASP B 123 21.86 -0.21 -28.20
N ARG B 124 20.90 -1.02 -28.60
CA ARG B 124 20.11 -0.81 -29.84
C ARG B 124 19.02 0.24 -29.78
N TYR B 125 18.42 0.53 -28.63
CA TYR B 125 17.30 1.44 -28.44
C TYR B 125 17.65 2.73 -27.74
N PHE B 126 18.60 2.62 -26.79
CA PHE B 126 19.07 3.74 -25.97
C PHE B 126 20.57 3.74 -25.85
N PRO B 127 21.27 4.09 -26.95
CA PRO B 127 22.68 4.01 -26.90
C PRO B 127 23.32 5.00 -25.96
N ASP B 128 22.74 6.15 -25.63
CA ASP B 128 23.17 7.06 -24.65
C ASP B 128 23.22 6.44 -23.20
N TRP B 129 22.12 5.77 -22.87
CA TRP B 129 22.00 4.99 -21.59
C TRP B 129 23.08 3.92 -21.58
N HIS B 130 23.24 3.15 -22.69
CA HIS B 130 24.24 2.11 -22.74
C HIS B 130 25.59 2.65 -22.54
N GLU B 131 25.94 3.73 -23.22
CA GLU B 131 27.26 4.32 -23.05
C GLU B 131 27.57 4.71 -21.67
N ALA B 132 26.60 5.36 -20.96
CA ALA B 132 26.78 5.79 -19.60
C ALA B 132 26.92 4.59 -18.63
N TYR B 133 26.06 3.60 -18.80
CA TYR B 133 26.11 2.42 -17.94
C TYR B 133 27.45 1.61 -18.12
N SER B 134 27.87 1.55 -19.41
CA SER B 134 29.12 0.86 -19.72
C SER B 134 30.29 1.62 -19.11
N LYS B 135 30.30 2.95 -19.16
CA LYS B 135 31.31 3.76 -18.54
C LYS B 135 31.37 3.52 -17.06
N VAL B 136 30.17 3.54 -16.43
CA VAL B 136 30.14 3.30 -14.99
C VAL B 136 30.64 1.89 -14.63
N GLN B 137 30.23 0.89 -15.38
CA GLN B 137 30.72 -0.44 -15.13
C GLN B 137 32.26 -0.52 -15.18
N ALA B 138 32.86 0.23 -16.11
CA ALA B 138 34.32 0.22 -16.19
C ALA B 138 34.91 0.96 -15.02
N LEU B 139 34.37 2.09 -14.52
CA LEU B 139 34.82 2.71 -13.38
C LEU B 139 34.71 1.87 -12.13
N ASN B 140 33.54 1.18 -11.98
CA ASN B 140 33.34 0.30 -10.83
C ASN B 140 34.41 -0.79 -10.83
N ASN B 141 34.67 -1.36 -12.00
CA ASN B 141 35.71 -2.46 -12.07
C ASN B 141 37.06 -1.97 -11.66
N GLU B 142 37.37 -0.76 -11.99
CA GLU B 142 38.70 -0.14 -11.55
C GLU B 142 38.71 0.25 -10.13
N GLY B 143 37.59 0.19 -9.42
CA GLY B 143 37.57 0.55 -8.02
C GLY B 143 37.31 1.94 -7.71
N LYS B 144 36.84 2.75 -8.63
CA LYS B 144 36.50 4.12 -8.37
C LYS B 144 35.34 4.22 -7.32
N ILE B 145 35.46 5.18 -6.42
CA ILE B 145 34.43 5.49 -5.38
C ILE B 145 34.02 6.88 -5.51
N VAL B 146 32.80 7.14 -5.98
CA VAL B 146 32.32 8.42 -6.20
C VAL B 146 30.83 8.44 -5.93
N GLU B 147 30.35 9.51 -5.34
CA GLU B 147 28.92 9.80 -5.25
C GLU B 147 28.43 10.59 -6.37
N ILE B 148 27.52 10.13 -7.21
CA ILE B 148 26.93 10.93 -8.27
C ILE B 148 25.82 11.83 -7.74
N MET B 149 25.74 13.06 -8.24
CA MET B 149 24.88 14.15 -7.78
C MET B 149 24.41 14.86 -9.12
N MET C 1 -6.80 31.63 7.27
N MET C 1 -6.47 31.55 6.68
CA MET C 1 -6.30 30.38 7.90
CA MET C 1 -6.28 30.58 7.86
C MET C 1 -4.77 30.39 8.03
C MET C 1 -4.73 30.45 8.05
N ILE C 2 -4.37 29.80 9.14
CA ILE C 2 -3.06 29.33 9.39
C ILE C 2 -2.86 28.03 8.65
N TYR C 3 -1.88 27.86 7.79
CA TYR C 3 -1.74 26.66 6.96
C TYR C 3 -0.31 26.28 6.78
N SER C 4 -0.06 25.01 6.42
CA SER C 4 1.22 24.54 5.97
C SER C 4 1.17 24.21 4.54
N ILE C 5 2.32 24.17 3.89
CA ILE C 5 2.52 23.61 2.52
C ILE C 5 3.51 22.52 2.56
N THR C 6 3.13 21.32 2.11
CA THR C 6 3.98 20.15 2.09
C THR C 6 4.22 19.76 0.62
N GLU C 7 5.46 19.56 0.23
CA GLU C 7 5.77 19.03 -1.09
C GLU C 7 5.87 17.53 -1.05
N ILE C 8 5.20 16.85 -1.98
CA ILE C 8 5.25 15.41 -2.15
C ILE C 8 5.59 15.10 -3.58
N GLU C 9 6.53 14.23 -3.75
CA GLU C 9 6.80 13.78 -5.11
C GLU C 9 6.18 12.40 -5.31
N ALA C 10 5.34 12.26 -6.31
CA ALA C 10 4.63 11.02 -6.55
C ALA C 10 5.57 9.87 -6.82
N ARG C 11 5.27 8.68 -6.41
CA ARG C 11 6.08 7.47 -6.64
C ARG C 11 5.41 6.61 -7.69
N TYR C 12 6.29 5.91 -8.45
CA TYR C 12 5.75 4.97 -9.41
C TYR C 12 4.84 3.92 -8.76
N ALA C 13 5.21 3.49 -7.57
CA ALA C 13 4.39 2.54 -6.84
C ALA C 13 2.99 3.02 -6.53
N GLU C 14 2.75 4.33 -6.52
CA GLU C 14 1.46 4.95 -6.21
C GLU C 14 0.51 4.97 -7.38
N THR C 15 1.01 4.56 -8.58
CA THR C 15 0.20 4.57 -9.83
C THR C 15 -0.66 3.35 -9.92
N ASP C 16 -1.76 3.44 -10.65
CA ASP C 16 -2.55 2.28 -10.97
C ASP C 16 -2.50 2.11 -12.58
N LYS C 17 -3.22 1.07 -13.00
CA LYS C 17 -3.42 0.76 -14.43
C LYS C 17 -3.86 1.99 -15.28
N MET C 18 -4.70 2.95 -14.77
CA MET C 18 -5.07 4.23 -15.59
C MET C 18 -3.77 5.12 -15.77
N GLY C 19 -2.61 4.89 -15.15
CA GLY C 19 -1.49 5.73 -15.17
C GLY C 19 -1.53 7.02 -14.27
N VAL C 20 -2.52 6.96 -13.41
CA VAL C 20 -2.74 8.05 -12.45
C VAL C 20 -2.40 7.56 -11.01
N ILE C 21 -2.31 8.46 -10.12
CA ILE C 21 -2.17 8.09 -8.70
C ILE C 21 -3.49 7.46 -8.25
N TYR C 22 -3.36 6.22 -7.72
CA TYR C 22 -4.55 5.47 -7.28
C TYR C 22 -5.34 6.26 -6.21
N HIS C 23 -6.64 6.35 -6.33
CA HIS C 23 -7.42 7.20 -5.48
C HIS C 23 -7.27 6.84 -4.01
N GLY C 24 -7.01 5.57 -3.68
CA GLY C 24 -6.84 5.18 -2.27
C GLY C 24 -5.59 5.64 -1.67
N ASN C 25 -4.59 6.14 -2.42
CA ASN C 25 -3.32 6.58 -1.84
C ASN C 25 -3.39 7.98 -1.34
N TYR C 26 -4.43 8.75 -1.64
CA TYR C 26 -4.50 10.15 -1.21
C TYR C 26 -4.56 10.28 0.30
N ALA C 27 -5.20 9.32 1.00
CA ALA C 27 -5.20 9.38 2.45
C ALA C 27 -3.82 9.41 3.00
N THR C 28 -2.88 8.69 2.42
CA THR C 28 -1.48 8.66 2.88
C THR C 28 -0.85 10.04 2.64
N TRP C 29 -1.14 10.68 1.52
CA TRP C 29 -0.64 12.05 1.27
C TRP C 29 -1.22 13.06 2.30
N PHE C 30 -2.53 12.96 2.61
CA PHE C 30 -3.11 13.83 3.67
C PHE C 30 -2.42 13.57 4.99
N GLU C 31 -2.07 12.33 5.30
N GLU C 31 -2.06 12.33 5.30
CA GLU C 31 -1.31 11.99 6.51
CA GLU C 31 -1.35 12.06 6.52
C GLU C 31 0.06 12.66 6.54
C GLU C 31 0.05 12.66 6.55
N VAL C 32 0.79 12.52 5.45
CA VAL C 32 2.10 13.19 5.37
C VAL C 32 1.95 14.68 5.61
N ALA C 33 0.97 15.28 4.97
CA ALA C 33 0.77 16.73 5.09
C ALA C 33 0.31 17.16 6.49
N ARG C 34 -0.59 16.37 7.10
CA ARG C 34 -1.01 16.66 8.46
C ARG C 34 0.12 16.57 9.45
N LEU C 35 0.95 15.53 9.32
CA LEU C 35 2.10 15.43 10.18
C LEU C 35 3.10 16.54 9.99
N ASP C 36 3.23 17.02 8.77
CA ASP C 36 4.08 18.20 8.46
C ASP C 36 3.50 19.42 9.16
N TYR C 37 2.19 19.66 9.08
CA TYR C 37 1.53 20.79 9.79
C TYR C 37 1.87 20.73 11.26
N ILE C 38 1.69 19.55 11.90
CA ILE C 38 1.91 19.36 13.28
C ILE C 38 3.36 19.72 13.64
N SER C 39 4.27 19.23 12.84
N SER C 39 4.27 19.18 12.87
CA SER C 39 5.73 19.50 13.07
CA SER C 39 5.72 19.45 13.09
C SER C 39 6.01 20.99 12.95
C SER C 39 6.00 20.96 12.96
N LYS C 40 5.45 21.65 11.97
CA LYS C 40 5.71 23.08 11.76
C LYS C 40 5.05 23.89 12.86
N LEU C 41 3.99 23.46 13.48
CA LEU C 41 3.37 24.14 14.61
C LEU C 41 4.19 24.00 15.82
N GLY C 42 5.14 23.04 15.86
CA GLY C 42 6.11 22.82 16.94
C GLY C 42 5.93 21.54 17.69
N PHE C 43 5.27 20.49 17.20
CA PHE C 43 4.97 19.30 17.93
C PHE C 43 5.38 18.05 17.21
N SER C 44 5.50 16.96 17.93
CA SER C 44 5.87 15.67 17.33
C SER C 44 4.77 14.69 17.66
N TYR C 45 4.13 14.13 16.61
CA TYR C 45 3.21 13.10 16.85
C TYR C 45 3.88 11.84 17.39
N ALA C 46 5.13 11.50 16.98
CA ALA C 46 5.89 10.38 17.61
C ALA C 46 5.96 10.53 19.12
N ASP C 47 6.20 11.74 19.57
CA ASP C 47 6.24 12.02 21.01
C ASP C 47 4.92 11.81 21.68
N MET C 48 3.80 12.16 21.06
CA MET C 48 2.54 11.86 21.60
C MET C 48 2.37 10.34 21.83
N GLU C 49 2.73 9.54 20.80
CA GLU C 49 2.62 8.05 20.87
C GLU C 49 3.53 7.46 21.95
N LYS C 50 4.69 8.09 22.15
CA LYS C 50 5.60 7.64 23.29
C LYS C 50 4.86 7.75 24.62
N GLN C 51 3.94 8.70 24.75
CA GLN C 51 3.21 8.86 26.01
C GLN C 51 1.92 7.98 26.08
N GLY C 52 1.67 7.10 25.12
CA GLY C 52 0.63 6.15 25.11
C GLY C 52 -0.74 6.64 24.57
N ILE C 53 -0.71 7.73 23.82
CA ILE C 53 -1.89 8.31 23.19
C ILE C 53 -1.69 8.20 21.67
N ILE C 54 -2.79 7.81 21.02
CA ILE C 54 -2.82 7.70 19.54
C ILE C 54 -3.95 8.57 19.07
N SER C 55 -3.82 8.92 17.77
CA SER C 55 -4.79 9.85 17.17
C SER C 55 -5.34 9.25 15.77
N PRO C 56 -6.29 8.46 15.83
CA PRO C 56 -6.81 7.88 14.58
C PRO C 56 -7.78 8.83 13.86
N VAL C 57 -7.81 8.57 12.53
CA VAL C 57 -8.84 9.21 11.66
C VAL C 57 -10.21 8.62 11.86
N THR C 58 -11.25 9.32 12.07
CA THR C 58 -12.56 8.89 12.25
C THR C 58 -13.51 9.20 11.09
N ASP C 59 -13.07 10.11 10.17
CA ASP C 59 -13.83 10.45 8.95
C ASP C 59 -12.89 10.92 7.89
N LEU C 60 -13.00 10.43 6.69
CA LEU C 60 -12.15 10.81 5.53
C LEU C 60 -13.05 11.26 4.41
N ASN C 61 -12.80 12.44 3.85
N ASN C 61 -12.61 12.28 3.72
CA ASN C 61 -13.36 12.89 2.54
CA ASN C 61 -13.33 12.80 2.58
C ASN C 61 -12.26 13.24 1.57
C ASN C 61 -12.36 13.29 1.59
N VAL C 62 -12.47 12.82 0.31
CA VAL C 62 -11.56 13.24 -0.77
C VAL C 62 -12.41 13.60 -1.93
N ASN C 63 -12.21 14.75 -2.54
CA ASN C 63 -12.95 15.23 -3.74
C ASN C 63 -11.88 15.43 -4.83
N TYR C 64 -11.92 14.63 -5.85
CA TYR C 64 -10.91 14.57 -6.88
C TYR C 64 -11.32 15.46 -8.09
N LYS C 65 -10.67 16.58 -8.25
CA LYS C 65 -11.04 17.55 -9.31
C LYS C 65 -10.32 17.27 -10.54
N LYS C 66 -9.09 16.84 -10.50
CA LYS C 66 -8.24 16.42 -11.63
C LYS C 66 -7.43 15.25 -11.31
N SER C 67 -7.17 14.34 -12.24
CA SER C 67 -6.30 13.27 -11.99
C SER C 67 -4.92 13.77 -11.83
N ILE C 68 -4.03 13.08 -11.10
CA ILE C 68 -2.64 13.33 -10.93
C ILE C 68 -1.86 12.20 -11.62
N PHE C 69 -1.33 12.58 -12.82
CA PHE C 69 -0.54 11.67 -13.68
C PHE C 69 0.87 11.64 -13.20
N TYR C 70 1.47 10.43 -12.99
CA TYR C 70 2.80 10.25 -12.61
C TYR C 70 3.80 10.56 -13.85
N PRO C 71 4.92 11.16 -13.63
CA PRO C 71 5.54 11.72 -12.50
C PRO C 71 4.89 13.12 -12.15
N GLU C 72 5.01 13.56 -10.89
N GLU C 72 4.95 13.53 -10.89
CA GLU C 72 4.31 14.79 -10.44
CA GLU C 72 4.46 14.88 -10.46
C GLU C 72 4.83 15.23 -9.07
C GLU C 72 5.01 15.22 -9.13
N LYS C 73 5.31 16.49 -8.93
CA LYS C 73 5.61 17.10 -7.66
C LYS C 73 4.40 17.90 -7.31
N VAL C 74 3.73 17.58 -6.19
CA VAL C 74 2.49 18.31 -5.81
C VAL C 74 2.79 19.09 -4.53
N LYS C 75 1.90 20.04 -4.25
CA LYS C 75 1.94 20.82 -3.01
C LYS C 75 0.63 20.65 -2.29
N VAL C 76 0.68 20.21 -1.03
CA VAL C 76 -0.54 19.99 -0.21
C VAL C 76 -0.67 21.15 0.78
N LYS C 77 -1.75 21.87 0.77
CA LYS C 77 -2.04 22.92 1.71
C LYS C 77 -2.96 22.31 2.79
N THR C 78 -2.56 22.44 4.04
CA THR C 78 -3.29 21.88 5.18
C THR C 78 -3.65 22.95 6.19
N TRP C 79 -4.84 22.88 6.76
CA TRP C 79 -5.22 23.73 7.87
C TRP C 79 -6.18 23.00 8.77
N VAL C 80 -6.41 23.54 9.96
CA VAL C 80 -7.38 22.95 10.89
C VAL C 80 -8.61 23.78 10.78
N GLU C 81 -9.64 23.20 10.17
N GLU C 81 -9.66 23.20 10.16
CA GLU C 81 -10.89 23.91 10.01
CA GLU C 81 -10.96 23.85 10.04
C GLU C 81 -11.68 23.98 11.31
C GLU C 81 -11.59 24.04 11.40
N LYS C 82 -11.58 22.98 12.20
CA LYS C 82 -12.29 22.98 13.51
C LYS C 82 -11.48 22.28 14.49
N TYR C 83 -11.26 22.91 15.68
CA TYR C 83 -10.60 22.28 16.81
C TYR C 83 -11.52 22.34 18.00
N SER C 84 -11.65 21.25 18.69
CA SER C 84 -12.14 21.20 20.10
C SER C 84 -11.25 20.28 20.83
N ARG C 85 -11.29 20.30 22.21
CA ARG C 85 -10.51 19.38 22.99
C ARG C 85 -10.85 17.87 22.79
N LEU C 86 -11.99 17.58 22.15
CA LEU C 86 -12.29 16.18 21.77
C LEU C 86 -12.04 15.78 20.31
N ARG C 87 -12.03 16.69 19.34
CA ARG C 87 -11.79 16.27 17.90
C ARG C 87 -11.28 17.47 17.14
N SER C 88 -10.59 17.15 16.08
CA SER C 88 -10.06 18.12 15.14
C SER C 88 -10.47 17.77 13.73
N VAL C 89 -10.82 18.70 12.91
CA VAL C 89 -11.05 18.48 11.48
C VAL C 89 -10.02 19.26 10.69
N TYR C 90 -9.20 18.53 9.96
CA TYR C 90 -8.24 19.12 9.04
C TYR C 90 -8.78 19.20 7.66
N LYS C 91 -8.51 20.24 6.93
CA LYS C 91 -8.83 20.35 5.51
C LYS C 91 -7.60 20.48 4.68
N TYR C 92 -7.68 20.02 3.46
CA TYR C 92 -6.58 19.94 2.51
C TYR C 92 -6.96 20.46 1.16
N GLU C 93 -5.93 20.94 0.43
CA GLU C 93 -5.99 21.22 -1.01
C GLU C 93 -4.72 20.70 -1.63
N ILE C 94 -4.79 20.00 -2.76
CA ILE C 94 -3.60 19.54 -3.44
C ILE C 94 -3.49 20.27 -4.78
N PHE C 95 -2.35 20.91 -4.99
CA PHE C 95 -2.07 21.61 -6.28
C PHE C 95 -1.05 20.80 -7.02
N ASN C 96 -1.25 20.67 -8.35
CA ASN C 96 -0.35 19.93 -9.22
C ASN C 96 0.78 20.87 -9.60
N GLU C 97 1.69 20.30 -10.45
CA GLU C 97 2.88 21.02 -10.80
C GLU C 97 2.60 22.26 -11.61
N LYS C 98 1.50 22.30 -12.32
CA LYS C 98 1.08 23.53 -12.99
C LYS C 98 0.37 24.60 -12.13
N GLY C 99 0.20 24.28 -10.83
CA GLY C 99 -0.48 25.18 -9.97
C GLY C 99 -1.99 25.05 -9.91
N GLU C 100 -2.52 24.01 -10.57
CA GLU C 100 -3.95 23.84 -10.62
C GLU C 100 -4.45 23.07 -9.37
N LEU C 101 -5.62 23.39 -8.96
CA LEU C 101 -6.27 22.63 -7.86
C LEU C 101 -6.71 21.25 -8.28
N ALA C 102 -6.04 20.18 -7.84
CA ALA C 102 -6.35 18.82 -8.27
C ALA C 102 -7.32 18.12 -7.32
N THR C 103 -7.33 18.47 -6.03
CA THR C 103 -8.03 17.67 -5.02
C THR C 103 -8.28 18.52 -3.82
N THR C 104 -9.40 18.28 -3.15
CA THR C 104 -9.67 18.80 -1.86
C THR C 104 -10.10 17.63 -0.95
N GLY C 105 -10.08 17.90 0.35
CA GLY C 105 -10.59 16.81 1.25
C GLY C 105 -10.48 17.21 2.66
N SER C 106 -10.82 16.28 3.55
CA SER C 106 -10.83 16.52 5.01
C SER C 106 -10.63 15.24 5.73
N THR C 107 -10.10 15.36 6.97
CA THR C 107 -9.99 14.28 7.90
C THR C 107 -10.38 14.69 9.29
N GLU C 108 -11.26 13.96 9.99
CA GLU C 108 -11.55 14.18 11.40
CA GLU C 108 -11.53 14.16 11.42
C GLU C 108 -10.71 13.24 12.21
N LEU C 109 -10.05 13.74 13.25
CA LEU C 109 -9.18 13.00 14.16
C LEU C 109 -9.66 13.13 15.60
N ILE C 110 -9.48 12.08 16.35
CA ILE C 110 -9.67 12.14 17.85
C ILE C 110 -8.39 11.65 18.43
N CYS C 111 -8.30 11.73 19.79
CA CYS C 111 -7.19 11.16 20.53
C CYS C 111 -7.71 10.11 21.58
N ILE C 112 -7.00 9.01 21.58
CA ILE C 112 -7.45 7.92 22.44
C ILE C 112 -6.26 7.34 23.10
N LYS C 113 -6.54 6.60 24.26
CA LYS C 113 -5.45 5.81 24.89
C LYS C 113 -5.08 4.54 24.11
N GLU C 114 -3.83 4.28 23.95
CA GLU C 114 -3.32 3.21 23.10
C GLU C 114 -3.78 1.88 23.64
N ASP C 115 -3.84 1.75 24.97
CA ASP C 115 -4.12 0.42 25.60
C ASP C 115 -5.58 0.00 25.53
N THR C 116 -6.47 0.95 25.81
CA THR C 116 -7.91 0.73 25.88
C THR C 116 -8.70 1.31 24.69
N PHE C 117 -8.04 2.05 23.78
CA PHE C 117 -8.74 2.93 22.74
C PHE C 117 -9.84 3.85 23.26
N LYS C 118 -9.87 4.15 24.56
CA LYS C 118 -10.81 5.08 25.05
C LYS C 118 -10.48 6.59 24.71
N PRO C 119 -11.50 7.42 24.33
CA PRO C 119 -11.17 8.80 23.91
C PRO C 119 -10.70 9.64 25.08
N ILE C 120 -9.83 10.58 24.83
CA ILE C 120 -9.38 11.59 25.85
C ILE C 120 -9.68 13.01 25.43
N ARG C 121 -9.59 13.94 26.36
CA ARG C 121 -9.56 15.36 26.09
C ARG C 121 -8.11 15.81 26.00
N LEU C 122 -7.75 16.43 24.89
CA LEU C 122 -6.40 16.85 24.62
C LEU C 122 -5.82 17.73 25.76
N ASP C 123 -6.64 18.63 26.29
CA ASP C 123 -6.20 19.55 27.39
C ASP C 123 -5.77 18.80 28.67
N ARG C 124 -6.21 17.56 28.90
CA ARG C 124 -5.84 16.85 30.10
C ARG C 124 -4.59 16.04 30.04
N TYR C 125 -4.04 15.91 28.84
CA TYR C 125 -2.90 15.17 28.62
C TYR C 125 -1.78 15.99 28.03
N PHE C 126 -2.15 16.96 27.15
CA PHE C 126 -1.15 17.77 26.39
C PHE C 126 -1.53 19.22 26.41
N PRO C 127 -1.31 19.94 27.55
CA PRO C 127 -1.74 21.30 27.61
C PRO C 127 -1.04 22.18 26.56
N ASP C 128 0.16 21.91 26.23
CA ASP C 128 0.90 22.62 25.20
C ASP C 128 0.22 22.53 23.81
N TRP C 129 -0.16 21.32 23.46
CA TRP C 129 -0.86 21.12 22.15
C TRP C 129 -2.15 21.85 22.24
N HIS C 130 -2.97 21.72 23.28
CA HIS C 130 -4.20 22.40 23.35
C HIS C 130 -4.08 23.88 23.26
N GLU C 131 -3.13 24.49 23.94
CA GLU C 131 -2.94 25.91 23.91
C GLU C 131 -2.61 26.36 22.45
N ALA C 132 -1.73 25.60 21.77
CA ALA C 132 -1.34 26.01 20.42
C ALA C 132 -2.61 25.89 19.46
N TYR C 133 -3.33 24.78 19.56
CA TYR C 133 -4.48 24.59 18.64
C TYR C 133 -5.58 25.59 18.95
N SER C 134 -5.74 25.96 20.22
CA SER C 134 -6.74 26.95 20.62
C SER C 134 -6.32 28.30 20.08
N LYS C 135 -5.05 28.72 20.15
CA LYS C 135 -4.59 29.94 19.58
C LYS C 135 -4.83 29.96 18.09
N VAL C 136 -4.43 28.90 17.41
CA VAL C 136 -4.62 28.85 15.97
C VAL C 136 -6.13 28.98 15.63
N GLN C 137 -7.00 28.28 16.35
CA GLN C 137 -8.44 28.40 16.05
C GLN C 137 -8.94 29.88 16.13
N ALA C 138 -8.39 30.58 17.16
CA ALA C 138 -8.76 31.97 17.32
C ALA C 138 -8.25 32.76 16.12
N LEU C 139 -7.05 32.54 15.69
CA LEU C 139 -6.47 33.27 14.56
C LEU C 139 -7.19 32.97 13.30
N ASN C 140 -7.57 31.71 13.07
CA ASN C 140 -8.38 31.31 11.92
C ASN C 140 -9.75 32.04 11.95
N ASN C 141 -10.36 32.10 13.08
CA ASN C 141 -11.68 32.81 13.22
C ASN C 141 -11.50 34.25 12.83
N GLU C 142 -10.42 34.91 13.17
CA GLU C 142 -10.21 36.34 12.85
C GLU C 142 -9.80 36.52 11.44
N GLY C 143 -9.59 35.51 10.64
CA GLY C 143 -9.19 35.67 9.28
C GLY C 143 -7.75 35.85 9.00
N LYS C 144 -6.86 35.56 9.92
CA LYS C 144 -5.45 35.66 9.64
C LYS C 144 -5.03 34.64 8.56
N ILE C 145 -4.12 35.00 7.68
CA ILE C 145 -3.58 34.16 6.57
C ILE C 145 -2.13 34.09 6.75
N VAL C 146 -1.59 32.93 7.19
CA VAL C 146 -0.22 32.76 7.55
C VAL C 146 0.24 31.37 7.16
N GLU C 147 1.32 31.21 6.43
CA GLU C 147 1.96 29.93 6.17
C GLU C 147 2.94 29.62 7.25
N ILE C 148 2.70 28.66 8.09
CA ILE C 148 3.66 28.23 9.08
C ILE C 148 4.84 27.43 8.50
N MET C 149 5.99 27.59 9.05
CA MET C 149 7.20 26.89 8.56
C MET C 149 8.20 26.93 9.60
N ASP C 150 9.15 25.97 9.44
CA ASP C 150 10.30 25.99 10.33
C ASP C 150 11.21 27.26 10.18
N GLY C 151 11.66 27.75 11.29
CA GLY C 151 12.56 28.87 11.26
C GLY C 151 12.00 30.21 11.31
N ILE C 152 10.66 30.34 11.27
CA ILE C 152 9.98 31.57 11.40
C ILE C 152 8.97 31.47 12.51
N ASP C 153 8.93 32.28 13.50
CA ASP C 153 7.90 32.21 14.60
C ASP C 153 6.77 33.06 14.09
N SER C 154 5.97 32.49 13.15
CA SER C 154 4.99 33.29 12.42
C SER C 154 3.82 33.74 13.22
N LEU C 155 3.59 33.19 14.40
CA LEU C 155 2.42 33.45 15.24
C LEU C 155 2.86 34.38 16.45
N MET D 1 -33.20 -1.02 -0.81
N MET D 1 -33.42 -1.66 -1.17
CA MET D 1 -32.29 -1.16 -2.00
CA MET D 1 -32.44 -1.10 -2.17
C MET D 1 -31.94 -2.56 -2.61
C MET D 1 -31.95 -2.39 -2.58
N ILE D 2 -31.55 -2.57 -3.84
CA ILE D 2 -30.89 -3.65 -4.43
C ILE D 2 -29.40 -3.62 -3.97
N TYR D 3 -28.89 -4.66 -3.39
CA TYR D 3 -27.50 -4.64 -2.77
C TYR D 3 -26.76 -5.85 -3.05
N SER D 4 -25.42 -5.83 -3.04
CA SER D 4 -24.56 -6.96 -2.98
C SER D 4 -23.92 -7.08 -1.60
N ILE D 5 -23.41 -8.30 -1.36
CA ILE D 5 -22.63 -8.61 -0.14
C ILE D 5 -21.35 -9.26 -0.61
N THR D 6 -20.20 -8.67 -0.15
CA THR D 6 -18.85 -9.12 -0.50
C THR D 6 -18.08 -9.51 0.73
N GLU D 7 -17.47 -10.70 0.77
CA GLU D 7 -16.67 -11.12 1.91
C GLU D 7 -15.18 -10.75 1.64
N ILE D 8 -14.59 -10.11 2.64
CA ILE D 8 -13.18 -9.73 2.59
C ILE D 8 -12.50 -10.19 3.89
N GLU D 9 -11.34 -10.82 3.78
CA GLU D 9 -10.52 -11.23 4.92
C GLU D 9 -9.40 -10.21 5.08
N ALA D 10 -9.37 -9.58 6.23
CA ALA D 10 -8.29 -8.60 6.50
C ALA D 10 -6.92 -9.19 6.44
N ARG D 11 -5.94 -8.54 5.88
CA ARG D 11 -4.59 -8.97 5.77
C ARG D 11 -3.75 -8.26 6.86
N TYR D 12 -2.68 -9.03 7.27
CA TYR D 12 -1.71 -8.46 8.18
C TYR D 12 -1.05 -7.22 7.58
N ALA D 13 -0.76 -7.24 6.30
CA ALA D 13 -0.18 -6.10 5.60
C ALA D 13 -1.01 -4.82 5.63
N GLU D 14 -2.30 -4.95 5.84
CA GLU D 14 -3.22 -3.85 5.85
C GLU D 14 -3.31 -3.18 7.25
N THR D 15 -2.58 -3.71 8.22
CA THR D 15 -2.49 -3.07 9.55
C THR D 15 -1.52 -1.93 9.62
N ASP D 16 -1.69 -1.03 10.60
CA ASP D 16 -0.69 -0.01 10.89
C ASP D 16 -0.25 -0.23 12.41
N LYS D 17 0.61 0.73 12.85
CA LYS D 17 1.24 0.62 14.19
C LYS D 17 0.19 0.70 15.29
N MET D 18 -1.04 1.26 15.10
N MET D 18 -0.96 1.29 15.03
CA MET D 18 -2.19 1.21 16.13
CA MET D 18 -2.02 1.32 16.03
C MET D 18 -2.73 -0.19 16.26
C MET D 18 -2.54 -0.05 16.25
N GLY D 19 -2.38 -1.05 15.40
CA GLY D 19 -2.80 -2.38 15.45
C GLY D 19 -4.19 -2.63 14.90
N VAL D 20 -4.65 -1.78 14.01
CA VAL D 20 -5.94 -1.89 13.32
C VAL D 20 -5.70 -1.75 11.81
N ILE D 21 -6.69 -1.99 11.02
CA ILE D 21 -6.56 -1.76 9.57
C ILE D 21 -6.44 -0.28 9.34
N TYR D 22 -5.40 0.06 8.55
CA TYR D 22 -5.08 1.48 8.28
C TYR D 22 -6.24 2.14 7.52
N HIS D 23 -6.63 3.35 7.90
CA HIS D 23 -7.78 3.99 7.35
C HIS D 23 -7.74 4.16 5.84
N GLY D 24 -6.55 4.33 5.28
CA GLY D 24 -6.39 4.50 3.85
C GLY D 24 -6.65 3.29 3.08
N ASN D 25 -6.68 2.10 3.62
CA ASN D 25 -6.92 0.88 2.94
C ASN D 25 -8.38 0.61 2.62
N TYR D 26 -9.27 1.30 3.27
CA TYR D 26 -10.73 1.08 3.10
C TYR D 26 -11.17 1.35 1.70
N ALA D 27 -10.57 2.30 0.99
CA ALA D 27 -10.93 2.54 -0.44
C ALA D 27 -10.71 1.33 -1.26
N THR D 28 -9.69 0.55 -0.98
CA THR D 28 -9.42 -0.67 -1.65
C THR D 28 -10.51 -1.72 -1.45
N TRP D 29 -11.00 -1.79 -0.25
CA TRP D 29 -12.12 -2.71 0.08
C TRP D 29 -13.41 -2.22 -0.57
N PHE D 30 -13.70 -0.93 -0.59
CA PHE D 30 -14.88 -0.41 -1.34
C PHE D 30 -14.73 -0.76 -2.79
N GLU D 31 -13.55 -0.71 -3.38
CA GLU D 31 -13.37 -1.06 -4.80
C GLU D 31 -13.63 -2.55 -5.07
N VAL D 32 -13.11 -3.41 -4.20
CA VAL D 32 -13.38 -4.82 -4.31
C VAL D 32 -14.94 -4.99 -4.29
N ALA D 33 -15.59 -4.42 -3.34
CA ALA D 33 -17.07 -4.57 -3.19
C ALA D 33 -17.81 -4.02 -4.37
N ARG D 34 -17.42 -2.88 -4.89
CA ARG D 34 -18.06 -2.27 -6.07
C ARG D 34 -17.86 -3.12 -7.30
N LEU D 35 -16.69 -3.65 -7.54
CA LEU D 35 -16.47 -4.53 -8.66
C LEU D 35 -17.25 -5.82 -8.49
N ASP D 36 -17.48 -6.29 -7.30
CA ASP D 36 -18.34 -7.44 -7.05
C ASP D 36 -19.74 -7.08 -7.33
N TYR D 37 -20.30 -5.96 -6.93
CA TYR D 37 -21.60 -5.53 -7.30
C TYR D 37 -21.80 -5.50 -8.80
N ILE D 38 -20.90 -4.91 -9.56
CA ILE D 38 -20.95 -4.84 -11.01
C ILE D 38 -20.97 -6.25 -11.56
N SER D 39 -20.14 -7.13 -11.10
CA SER D 39 -20.10 -8.50 -11.59
C SER D 39 -21.45 -9.16 -11.32
N LYS D 40 -22.09 -9.01 -10.20
CA LYS D 40 -23.35 -9.63 -9.87
C LYS D 40 -24.51 -9.04 -10.55
N LEU D 41 -24.40 -7.84 -11.04
CA LEU D 41 -25.41 -7.26 -11.89
C LEU D 41 -25.27 -7.86 -13.29
N GLY D 42 -24.14 -8.38 -13.67
CA GLY D 42 -23.92 -9.12 -14.90
C GLY D 42 -22.96 -8.43 -15.79
N PHE D 43 -22.04 -7.60 -15.34
CA PHE D 43 -21.07 -6.80 -16.15
C PHE D 43 -19.67 -6.98 -15.70
N SER D 44 -18.75 -6.65 -16.56
CA SER D 44 -17.33 -6.71 -16.23
C SER D 44 -16.67 -5.41 -16.47
N TYR D 45 -16.10 -4.79 -15.42
CA TYR D 45 -15.40 -3.52 -15.57
C TYR D 45 -14.21 -3.75 -16.45
N ALA D 46 -13.54 -4.90 -16.35
CA ALA D 46 -12.42 -5.14 -17.29
C ALA D 46 -12.88 -5.04 -18.77
N ASP D 47 -14.06 -5.53 -19.07
CA ASP D 47 -14.68 -5.39 -20.39
C ASP D 47 -14.82 -3.96 -20.83
N MET D 48 -15.30 -3.09 -19.95
CA MET D 48 -15.41 -1.68 -20.24
C MET D 48 -14.01 -1.06 -20.56
N GLU D 49 -12.97 -1.39 -19.77
CA GLU D 49 -11.62 -0.86 -20.00
C GLU D 49 -11.06 -1.29 -21.31
N LYS D 50 -11.38 -2.52 -21.69
CA LYS D 50 -10.93 -3.12 -23.04
C LYS D 50 -11.53 -2.27 -24.17
N GLN D 51 -12.66 -1.62 -23.96
CA GLN D 51 -13.28 -0.66 -24.96
C GLN D 51 -12.73 0.78 -24.95
N GLY D 52 -11.75 1.12 -24.06
CA GLY D 52 -11.19 2.47 -24.02
C GLY D 52 -11.93 3.49 -23.14
N ILE D 53 -12.74 2.94 -22.23
CA ILE D 53 -13.50 3.83 -21.27
C ILE D 53 -13.06 3.35 -19.89
N ILE D 54 -12.79 4.34 -19.03
CA ILE D 54 -12.33 4.06 -17.69
C ILE D 54 -13.37 4.85 -16.80
N SER D 55 -13.34 4.40 -15.52
CA SER D 55 -14.29 4.94 -14.55
C SER D 55 -13.54 5.41 -13.24
N PRO D 56 -13.12 6.62 -13.24
CA PRO D 56 -12.43 7.19 -12.01
C PRO D 56 -13.49 7.53 -10.96
N VAL D 57 -12.92 7.42 -9.71
CA VAL D 57 -13.56 7.92 -8.48
C VAL D 57 -13.53 9.40 -8.49
N THR D 58 -14.56 10.13 -8.32
CA THR D 58 -14.55 11.57 -8.14
C THR D 58 -14.75 12.09 -6.75
N ASP D 59 -15.30 11.20 -5.85
CA ASP D 59 -15.49 11.55 -4.45
C ASP D 59 -15.44 10.31 -3.66
N LEU D 60 -14.76 10.31 -2.53
CA LEU D 60 -14.61 9.22 -1.55
C LEU D 60 -15.03 9.73 -0.22
N ASN D 61 -15.90 9.01 0.52
CA ASN D 61 -16.22 9.35 1.88
C ASN D 61 -16.16 8.09 2.67
N VAL D 62 -15.54 8.12 3.86
CA VAL D 62 -15.43 6.97 4.79
C VAL D 62 -15.73 7.44 6.13
N ASN D 63 -16.67 6.86 6.89
CA ASN D 63 -16.96 7.11 8.31
C ASN D 63 -16.70 5.93 9.12
N TYR D 64 -15.71 6.02 10.00
CA TYR D 64 -15.18 4.84 10.72
C TYR D 64 -15.84 4.74 12.09
N LYS D 65 -16.76 3.83 12.24
CA LYS D 65 -17.53 3.70 13.51
C LYS D 65 -16.81 2.86 14.49
N LYS D 66 -16.12 1.84 14.14
CA LYS D 66 -15.38 0.88 14.94
C LYS D 66 -14.11 0.50 14.21
N SER D 67 -13.00 0.31 14.90
CA SER D 67 -11.84 -0.28 14.27
C SER D 67 -12.02 -1.63 13.80
N ILE D 68 -11.36 -2.10 12.77
CA ILE D 68 -11.26 -3.45 12.30
C ILE D 68 -9.87 -4.00 12.51
N PHE D 69 -9.74 -5.30 12.81
CA PHE D 69 -8.48 -5.93 13.20
C PHE D 69 -8.18 -7.03 12.27
N TYR D 70 -6.87 -7.36 12.15
CA TYR D 70 -6.42 -8.59 11.59
C TYR D 70 -6.82 -9.76 12.59
N PRO D 71 -7.35 -10.86 12.15
CA PRO D 71 -7.58 -11.33 10.79
C PRO D 71 -9.07 -11.39 10.49
N GLU D 72 -9.78 -10.36 10.93
CA GLU D 72 -11.24 -10.40 10.75
C GLU D 72 -11.72 -10.70 9.38
N LYS D 73 -12.76 -11.50 9.27
CA LYS D 73 -13.52 -11.69 8.04
C LYS D 73 -14.71 -10.73 8.09
N VAL D 74 -14.77 -9.79 7.18
CA VAL D 74 -15.81 -8.78 7.13
C VAL D 74 -16.72 -8.97 5.91
N LYS D 75 -17.85 -8.31 6.02
CA LYS D 75 -18.81 -8.31 4.90
C LYS D 75 -19.11 -6.84 4.61
N VAL D 76 -19.06 -6.58 3.28
CA VAL D 76 -19.38 -5.27 2.70
C VAL D 76 -20.71 -5.30 1.97
N LYS D 77 -21.62 -4.44 2.36
CA LYS D 77 -22.90 -4.29 1.70
C LYS D 77 -22.78 -3.06 0.76
N THR D 78 -23.08 -3.26 -0.56
CA THR D 78 -22.92 -2.18 -1.54
C THR D 78 -24.21 -1.97 -2.29
N TRP D 79 -24.60 -0.73 -2.50
CA TRP D 79 -25.74 -0.39 -3.34
C TRP D 79 -25.47 0.89 -4.11
N VAL D 80 -26.27 1.15 -5.15
CA VAL D 80 -26.22 2.43 -5.89
C VAL D 80 -27.20 3.35 -5.35
N GLU D 81 -26.83 4.35 -4.60
CA GLU D 81 -27.74 5.31 -4.06
C GLU D 81 -28.34 6.17 -5.17
N LYS D 82 -27.49 6.58 -6.14
CA LYS D 82 -27.97 7.52 -7.16
C LYS D 82 -27.35 7.11 -8.44
N TYR D 83 -28.12 6.88 -9.49
CA TYR D 83 -27.67 6.63 -10.88
C TYR D 83 -28.12 7.74 -11.78
N SER D 84 -27.20 8.28 -12.54
CA SER D 84 -27.55 9.11 -13.74
C SER D 84 -26.62 8.70 -14.82
N ARG D 85 -26.93 9.09 -16.08
CA ARG D 85 -26.09 8.72 -17.19
C ARG D 85 -24.68 9.32 -17.12
N LEU D 86 -24.50 10.38 -16.34
CA LEU D 86 -23.21 11.01 -16.17
C LEU D 86 -22.43 10.61 -14.88
N ARG D 87 -23.17 10.26 -13.81
N ARG D 87 -23.08 9.91 -13.95
CA ARG D 87 -22.44 9.69 -12.61
CA ARG D 87 -22.40 9.77 -12.58
C ARG D 87 -23.25 8.74 -11.82
C ARG D 87 -23.22 8.90 -11.72
N SER D 88 -22.50 7.98 -10.99
CA SER D 88 -23.15 6.99 -10.09
C SER D 88 -22.60 7.28 -8.67
N VAL D 89 -23.39 7.15 -7.66
CA VAL D 89 -22.98 7.22 -6.22
C VAL D 89 -23.26 5.89 -5.61
N TYR D 90 -22.25 5.14 -5.26
CA TYR D 90 -22.31 3.93 -4.48
C TYR D 90 -22.23 4.19 -3.01
N LYS D 91 -23.01 3.49 -2.19
CA LYS D 91 -22.90 3.53 -0.72
C LYS D 91 -22.55 2.16 -0.26
N TYR D 92 -21.88 2.15 0.95
CA TYR D 92 -21.32 0.95 1.54
C TYR D 92 -21.55 0.95 3.05
N GLU D 93 -21.69 -0.31 3.53
CA GLU D 93 -21.64 -0.62 4.99
C GLU D 93 -20.74 -1.77 5.13
N ILE D 94 -19.81 -1.70 6.14
CA ILE D 94 -18.91 -2.81 6.49
C ILE D 94 -19.31 -3.33 7.90
N PHE D 95 -19.50 -4.66 7.89
CA PHE D 95 -19.82 -5.39 9.15
C PHE D 95 -18.68 -6.17 9.52
N ASN D 96 -18.30 -6.03 10.83
CA ASN D 96 -17.13 -6.80 11.33
C ASN D 96 -17.48 -8.24 11.62
N GLU D 97 -16.53 -9.06 12.08
CA GLU D 97 -16.74 -10.51 12.15
C GLU D 97 -17.83 -10.79 13.19
N LYS D 98 -18.09 -9.93 14.17
CA LYS D 98 -19.24 -10.07 15.06
C LYS D 98 -20.54 -9.61 14.56
N GLY D 99 -20.57 -9.11 13.32
CA GLY D 99 -21.78 -8.67 12.67
C GLY D 99 -22.20 -7.33 13.00
N GLU D 100 -21.32 -6.51 13.63
CA GLU D 100 -21.60 -5.16 14.01
C GLU D 100 -21.25 -4.14 12.83
N LEU D 101 -21.95 -3.07 12.77
CA LEU D 101 -21.63 -2.01 11.72
C LEU D 101 -20.33 -1.31 12.14
N ALA D 102 -19.29 -1.49 11.37
CA ALA D 102 -17.98 -0.92 11.64
C ALA D 102 -17.69 0.35 10.87
N THR D 103 -18.30 0.50 9.67
CA THR D 103 -17.89 1.55 8.72
C THR D 103 -19.04 1.82 7.78
N THR D 104 -19.21 3.08 7.41
CA THR D 104 -20.07 3.46 6.27
C THR D 104 -19.26 4.30 5.33
N GLY D 105 -19.71 4.44 4.07
CA GLY D 105 -19.05 5.37 3.14
C GLY D 105 -19.72 5.43 1.85
N SER D 106 -19.08 6.14 0.92
CA SER D 106 -19.62 6.33 -0.41
C SER D 106 -18.55 6.64 -1.40
N THR D 107 -18.76 6.31 -2.67
CA THR D 107 -17.90 6.74 -3.79
C THR D 107 -18.74 7.21 -4.92
N GLU D 108 -18.38 8.35 -5.44
CA GLU D 108 -18.98 8.83 -6.78
C GLU D 108 -18.07 8.46 -7.88
N LEU D 109 -18.63 7.89 -8.97
CA LEU D 109 -17.83 7.47 -10.13
C LEU D 109 -18.44 8.16 -11.37
N ILE D 110 -17.55 8.46 -12.30
CA ILE D 110 -17.97 8.86 -13.72
C ILE D 110 -17.29 7.92 -14.63
N CYS D 111 -17.62 8.08 -15.96
CA CYS D 111 -16.96 7.38 -17.00
C CYS D 111 -16.35 8.40 -18.01
N ILE D 112 -15.12 8.15 -18.34
CA ILE D 112 -14.40 9.01 -19.30
C ILE D 112 -13.66 8.15 -20.32
N LYS D 113 -13.39 8.87 -21.46
CA LYS D 113 -12.53 8.24 -22.45
C LYS D 113 -11.11 8.15 -21.98
N GLU D 114 -10.52 7.02 -22.13
CA GLU D 114 -9.17 6.75 -21.71
C GLU D 114 -8.10 7.67 -22.35
N ASP D 115 -8.29 7.95 -23.64
CA ASP D 115 -7.24 8.72 -24.38
C ASP D 115 -7.23 10.23 -24.04
N THR D 116 -8.41 10.83 -23.82
CA THR D 116 -8.52 12.30 -23.59
C THR D 116 -8.97 12.71 -22.18
N PHE D 117 -9.41 11.75 -21.39
CA PHE D 117 -10.02 11.97 -20.09
C PHE D 117 -11.32 12.75 -20.13
N LYS D 118 -11.94 12.82 -21.28
CA LYS D 118 -13.20 13.53 -21.42
C LYS D 118 -14.43 12.62 -20.93
N PRO D 119 -15.31 13.21 -20.13
CA PRO D 119 -16.50 12.49 -19.61
C PRO D 119 -17.46 12.06 -20.66
N ILE D 120 -18.12 10.91 -20.48
CA ILE D 120 -19.10 10.36 -21.43
C ILE D 120 -20.41 10.06 -20.67
N ARG D 121 -21.51 9.97 -21.40
CA ARG D 121 -22.79 9.46 -21.05
C ARG D 121 -22.80 7.95 -21.18
N LEU D 122 -23.22 7.25 -20.12
CA LEU D 122 -23.14 5.80 -20.14
C LEU D 122 -23.99 5.18 -21.26
N ASP D 123 -25.15 5.74 -21.42
CA ASP D 123 -26.10 5.24 -22.45
C ASP D 123 -25.53 5.29 -23.89
N ARG D 124 -24.67 6.21 -24.14
CA ARG D 124 -24.10 6.34 -25.50
C ARG D 124 -23.11 5.32 -25.75
N TYR D 125 -22.37 4.84 -24.75
CA TYR D 125 -21.32 3.95 -24.94
C TYR D 125 -21.59 2.50 -24.55
N PHE D 126 -22.46 2.32 -23.50
CA PHE D 126 -22.73 1.03 -22.93
C PHE D 126 -24.25 0.96 -22.68
N PRO D 127 -25.11 0.89 -23.72
CA PRO D 127 -26.53 0.91 -23.51
C PRO D 127 -27.04 -0.22 -22.56
N ASP D 128 -26.38 -1.35 -22.68
CA ASP D 128 -26.79 -2.49 -21.84
C ASP D 128 -26.52 -2.18 -20.29
N TRP D 129 -25.38 -1.56 -20.00
CA TRP D 129 -25.15 -1.11 -18.60
C TRP D 129 -26.17 -0.13 -18.20
N HIS D 130 -26.46 0.90 -19.04
CA HIS D 130 -27.45 1.83 -18.77
C HIS D 130 -28.80 1.26 -18.45
N GLU D 131 -29.23 0.30 -19.29
CA GLU D 131 -30.54 -0.33 -19.03
C GLU D 131 -30.64 -1.03 -17.67
N ALA D 132 -29.53 -1.70 -17.35
CA ALA D 132 -29.52 -2.34 -16.02
C ALA D 132 -29.54 -1.36 -14.85
N TYR D 133 -28.70 -0.34 -14.92
CA TYR D 133 -28.62 0.66 -13.81
C TYR D 133 -29.92 1.43 -13.63
N SER D 134 -30.59 1.71 -14.84
CA SER D 134 -31.88 2.38 -14.83
C SER D 134 -32.98 1.52 -14.15
N LYS D 135 -32.95 0.29 -14.53
CA LYS D 135 -33.92 -0.69 -13.96
C LYS D 135 -33.71 -0.81 -12.42
N VAL D 136 -32.43 -0.84 -12.01
CA VAL D 136 -32.17 -0.84 -10.54
C VAL D 136 -32.56 0.38 -9.87
N GLN D 137 -32.28 1.55 -10.48
CA GLN D 137 -32.70 2.75 -9.89
C GLN D 137 -34.25 2.81 -9.61
N ALA D 138 -34.96 2.38 -10.66
CA ALA D 138 -36.48 2.35 -10.50
C ALA D 138 -36.86 1.38 -9.39
N LEU D 139 -36.26 0.22 -9.29
CA LEU D 139 -36.60 -0.74 -8.15
C LEU D 139 -36.22 -0.07 -6.83
N ASN D 140 -35.04 0.53 -6.73
CA ASN D 140 -34.65 1.27 -5.53
C ASN D 140 -35.68 2.31 -5.10
N ASN D 141 -36.16 3.08 -6.08
CA ASN D 141 -37.13 4.16 -5.80
C ASN D 141 -38.44 3.58 -5.32
N GLU D 142 -38.73 2.40 -5.74
CA GLU D 142 -40.00 1.65 -5.25
C GLU D 142 -39.83 1.04 -3.89
N GLY D 143 -38.62 1.13 -3.32
CA GLY D 143 -38.33 0.57 -2.00
C GLY D 143 -38.15 -0.89 -2.06
N LYS D 144 -37.79 -1.53 -3.14
CA LYS D 144 -37.50 -2.85 -3.16
C LYS D 144 -36.17 -3.15 -2.41
N ILE D 145 -36.11 -4.31 -1.75
CA ILE D 145 -34.94 -4.69 -0.89
C ILE D 145 -34.64 -6.08 -1.38
N VAL D 146 -33.50 -6.36 -2.03
CA VAL D 146 -33.11 -7.60 -2.51
C VAL D 146 -31.60 -7.73 -2.64
N GLU D 147 -30.99 -8.82 -2.30
CA GLU D 147 -29.62 -9.20 -2.56
C GLU D 147 -29.40 -9.69 -3.90
N ILE D 148 -28.58 -9.06 -4.76
CA ILE D 148 -28.17 -9.56 -6.00
C ILE D 148 -27.08 -10.55 -5.92
N MET D 149 -26.92 -11.61 -6.79
CA MET D 149 -26.00 -12.79 -6.70
C MET D 149 -25.96 -13.26 -8.16
#